data_2G7S
#
_entry.id   2G7S
#
_cell.length_a   47.736
_cell.length_b   55.029
_cell.length_c   73.979
_cell.angle_alpha   90.00
_cell.angle_beta   90.00
_cell.angle_gamma   90.00
#
_symmetry.space_group_name_H-M   'P 21 21 2'
#
loop_
_entity.id
_entity.type
_entity.pdbx_description
1 polymer 'transcriptional regulator, TetR family'
2 water water
#
_entity_poly.entity_id   1
_entity_poly.type   'polypeptide(L)'
_entity_poly.pdbx_seq_one_letter_code
;GS(MSE)KNPQSKADDILQCARTLIIRGGYNSFSYADISQVVGIRNASIHHHFPSKSDLVCKLVSQYRQEAEAGIAELEK
NISDPLEQLRAYIGYWEGCIADATHPFCVCALLASEIPVLPETVVLEVRAHFRSLSDWLTAVLERGIAQGRLVLTGTARA
NAEIF(MSE)ATVHGA(MSE)LSARAHGDAATFGAITRP(MSE)LERITA
;
_entity_poly.pdbx_strand_id   A
#
# COMPACT_ATOMS: atom_id res chain seq x y z
N ASN A 5 -12.36 15.71 20.90
CA ASN A 5 -13.02 14.53 21.50
C ASN A 5 -12.16 13.32 21.28
N PRO A 6 -12.52 12.21 21.95
CA PRO A 6 -11.88 10.93 21.89
C PRO A 6 -11.64 10.45 20.45
N GLN A 7 -12.64 10.41 19.61
CA GLN A 7 -12.47 9.93 18.24
C GLN A 7 -11.38 10.67 17.48
N SER A 8 -11.31 11.97 17.65
CA SER A 8 -10.34 12.79 16.94
C SER A 8 -8.95 12.47 17.40
N LYS A 9 -8.78 12.13 18.67
CA LYS A 9 -7.45 11.81 19.21
C LYS A 9 -7.06 10.45 18.63
N ALA A 10 -8.02 9.50 18.57
CA ALA A 10 -7.71 8.17 17.98
C ALA A 10 -7.28 8.36 16.51
N ASP A 11 -8.01 9.18 15.77
CA ASP A 11 -7.65 9.45 14.36
C ASP A 11 -6.27 10.09 14.28
N ASP A 12 -5.96 11.03 15.17
CA ASP A 12 -4.66 11.65 15.11
C ASP A 12 -3.54 10.63 15.36
N ILE A 13 -3.75 9.74 16.31
CA ILE A 13 -2.74 8.69 16.61
C ILE A 13 -2.58 7.81 15.41
N LEU A 14 -3.69 7.39 14.77
CA LEU A 14 -3.51 6.51 13.60
C LEU A 14 -2.82 7.22 12.42
N GLN A 15 -3.21 8.49 12.16
N GLN A 15 -3.11 8.51 12.19
CA GLN A 15 -2.56 9.30 11.09
CA GLN A 15 -2.47 9.11 11.02
C GLN A 15 -1.03 9.28 11.35
C GLN A 15 -1.00 9.44 11.28
N CYS A 16 -0.66 9.71 12.53
CA CYS A 16 0.76 9.85 12.91
C CYS A 16 1.49 8.51 12.76
N ALA A 17 0.90 7.45 13.32
CA ALA A 17 1.55 6.14 13.26
C ALA A 17 1.70 5.69 11.79
N ARG A 18 0.73 6.02 10.96
CA ARG A 18 0.85 5.61 9.53
C ARG A 18 2.07 6.33 8.92
N THR A 19 2.21 7.62 9.15
CA THR A 19 3.35 8.32 8.55
C THR A 19 4.66 7.76 9.08
N LEU A 20 4.71 7.46 10.38
CA LEU A 20 5.96 6.93 10.96
C LEU A 20 6.29 5.54 10.41
N ILE A 21 5.26 4.68 10.28
CA ILE A 21 5.50 3.33 9.87
C ILE A 21 6.01 3.27 8.40
N ILE A 22 5.57 4.24 7.57
CA ILE A 22 6.05 4.28 6.20
C ILE A 22 7.52 4.67 6.10
N ARG A 23 8.05 5.31 7.13
N ARG A 23 8.03 5.31 7.14
CA ARG A 23 9.47 5.62 7.12
CA ARG A 23 9.45 5.62 7.19
C ARG A 23 10.37 4.44 7.43
C ARG A 23 10.31 4.40 7.38
N GLY A 24 9.93 3.56 8.34
CA GLY A 24 10.85 2.53 8.84
C GLY A 24 10.24 1.25 9.35
N GLY A 25 8.93 1.03 9.18
CA GLY A 25 8.32 -0.20 9.61
C GLY A 25 7.95 -0.23 11.10
N TYR A 26 7.55 -1.42 11.51
CA TYR A 26 6.89 -1.62 12.79
C TYR A 26 7.75 -1.15 13.97
N ASN A 27 9.05 -1.42 13.90
CA ASN A 27 9.96 -1.20 15.04
C ASN A 27 10.69 0.11 14.98
N SER A 28 10.32 0.96 14.03
CA SER A 28 11.04 2.22 13.85
C SER A 28 10.40 3.37 14.60
N PHE A 29 9.27 3.16 15.28
CA PHE A 29 8.61 4.22 16.06
C PHE A 29 8.13 3.67 17.38
N SER A 30 7.95 4.60 18.33
CA SER A 30 7.53 4.24 19.66
C SER A 30 6.29 5.11 20.00
N TYR A 31 5.65 4.76 21.11
CA TYR A 31 4.60 5.68 21.61
C TYR A 31 5.19 7.03 21.98
N ALA A 32 6.46 7.07 22.42
CA ALA A 32 7.05 8.43 22.68
C ALA A 32 7.07 9.34 21.42
N ASP A 33 7.30 8.71 20.25
CA ASP A 33 7.35 9.48 19.02
C ASP A 33 5.95 9.98 18.72
N ILE A 34 4.95 9.12 18.93
CA ILE A 34 3.55 9.56 18.71
C ILE A 34 3.21 10.73 19.66
N SER A 35 3.64 10.63 20.93
CA SER A 35 3.41 11.79 21.84
C SER A 35 4.07 13.07 21.36
N GLN A 36 5.28 12.94 20.82
N GLN A 36 5.30 13.00 20.84
CA GLN A 36 5.98 14.08 20.30
CA GLN A 36 5.90 14.23 20.32
C GLN A 36 5.28 14.83 19.14
C GLN A 36 5.03 14.87 19.25
N VAL A 37 4.57 14.07 18.31
CA VAL A 37 3.86 14.62 17.16
C VAL A 37 2.45 15.05 17.53
N VAL A 38 1.75 14.19 18.27
CA VAL A 38 0.33 14.42 18.46
C VAL A 38 0.03 15.17 19.73
N GLY A 39 0.92 15.13 20.73
CA GLY A 39 0.74 15.97 21.92
C GLY A 39 0.00 15.30 23.06
N ILE A 40 -0.41 14.04 22.87
N ILE A 40 -0.32 14.00 22.87
CA ILE A 40 -1.03 13.35 24.01
CA ILE A 40 -1.07 13.17 23.83
C ILE A 40 0.06 12.64 24.77
C ILE A 40 -0.06 12.38 24.68
N ARG A 41 -0.21 12.34 26.03
CA ARG A 41 0.73 11.59 26.83
C ARG A 41 0.64 10.10 26.55
N ASN A 42 1.67 9.41 26.99
CA ASN A 42 1.74 7.97 26.80
C ASN A 42 0.49 7.21 27.26
N ALA A 43 0.01 7.47 28.49
CA ALA A 43 -1.14 6.75 29.00
C ALA A 43 -2.38 6.94 28.14
N SER A 44 -2.50 8.13 27.54
CA SER A 44 -3.64 8.41 26.71
C SER A 44 -3.63 7.54 25.44
N ILE A 45 -2.44 7.29 24.89
CA ILE A 45 -2.36 6.39 23.72
C ILE A 45 -2.93 5.02 24.07
N HIS A 46 -2.55 4.52 25.24
CA HIS A 46 -3.08 3.23 25.67
C HIS A 46 -4.57 3.20 25.89
N HIS A 47 -5.20 4.31 26.27
N HIS A 47 -5.13 4.37 26.24
CA HIS A 47 -6.67 4.29 26.40
CA HIS A 47 -6.58 4.56 26.34
C HIS A 47 -7.28 3.98 25.02
C HIS A 47 -7.34 4.27 25.05
N HIS A 48 -6.69 4.55 23.98
N HIS A 48 -6.69 4.47 23.90
CA HIS A 48 -7.23 4.39 22.62
CA HIS A 48 -7.37 4.22 22.62
C HIS A 48 -6.91 3.02 21.97
C HIS A 48 -6.94 2.91 21.96
N PHE A 49 -5.71 2.50 22.27
CA PHE A 49 -5.22 1.25 21.69
C PHE A 49 -4.56 0.46 22.79
N PRO A 50 -5.11 -0.73 23.13
CA PRO A 50 -4.56 -1.50 24.28
C PRO A 50 -3.19 -2.09 24.05
N SER A 51 -2.66 -2.07 22.82
CA SER A 51 -1.31 -2.50 22.61
C SER A 51 -0.87 -1.91 21.29
N LYS A 52 0.43 -1.92 21.05
CA LYS A 52 0.95 -1.46 19.78
C LYS A 52 0.51 -2.39 18.64
N SER A 53 0.39 -3.68 18.89
CA SER A 53 -0.08 -4.58 17.82
C SER A 53 -1.48 -4.17 17.43
N ASP A 54 -2.34 -3.86 18.43
CA ASP A 54 -3.67 -3.46 18.04
C ASP A 54 -3.69 -2.12 17.27
N LEU A 55 -2.86 -1.17 17.69
CA LEU A 55 -2.78 0.09 16.96
C LEU A 55 -2.41 -0.17 15.50
N VAL A 56 -1.39 -1.01 15.32
CA VAL A 56 -0.95 -1.26 13.92
C VAL A 56 -1.98 -2.11 13.13
N CYS A 57 -2.67 -3.04 13.79
CA CYS A 57 -3.73 -3.72 13.03
C CYS A 57 -4.79 -2.74 12.59
N LYS A 58 -5.15 -1.79 13.47
N LYS A 58 -5.20 -1.82 13.48
CA LYS A 58 -6.17 -0.79 13.11
CA LYS A 58 -6.22 -0.84 13.04
C LYS A 58 -5.68 0.12 11.98
C LYS A 58 -5.65 0.02 11.90
N LEU A 59 -4.40 0.48 12.02
CA LEU A 59 -3.85 1.33 10.99
C LEU A 59 -3.85 0.57 9.67
N VAL A 60 -3.40 -0.70 9.68
CA VAL A 60 -3.33 -1.43 8.40
C VAL A 60 -4.75 -1.67 7.89
N SER A 61 -5.72 -2.02 8.79
CA SER A 61 -7.10 -2.24 8.28
C SER A 61 -7.64 -0.95 7.58
N GLN A 62 -7.33 0.21 8.15
CA GLN A 62 -7.81 1.49 7.56
C GLN A 62 -7.07 1.72 6.24
N TYR A 63 -5.77 1.42 6.22
CA TYR A 63 -4.96 1.65 4.98
C TYR A 63 -5.55 0.75 3.86
N ARG A 64 -5.86 -0.50 4.18
N ARG A 64 -5.88 -0.50 4.20
CA ARG A 64 -6.39 -1.38 3.15
CA ARG A 64 -6.44 -1.49 3.25
C ARG A 64 -7.75 -0.85 2.69
C ARG A 64 -7.81 -1.04 2.75
N GLN A 65 -8.61 -0.45 3.63
CA GLN A 65 -9.96 0.07 3.25
C GLN A 65 -9.78 1.20 2.23
N GLU A 66 -8.85 2.12 2.49
CA GLU A 66 -8.59 3.23 1.61
C GLU A 66 -8.00 2.72 0.31
N ALA A 67 -7.15 1.69 0.35
CA ALA A 67 -6.45 1.26 -0.86
C ALA A 67 -7.44 0.64 -1.76
N GLU A 68 -8.33 -0.18 -1.20
CA GLU A 68 -9.37 -0.83 -1.96
C GLU A 68 -10.36 0.16 -2.52
N ALA A 69 -10.70 1.21 -1.75
CA ALA A 69 -11.62 2.24 -2.24
C ALA A 69 -10.97 2.99 -3.41
N GLY A 70 -9.68 3.23 -3.38
CA GLY A 70 -9.01 3.97 -4.48
C GLY A 70 -8.90 3.16 -5.77
N ILE A 71 -8.57 1.87 -5.71
CA ILE A 71 -8.54 1.08 -6.94
C ILE A 71 -9.94 0.78 -7.46
N ALA A 72 -10.93 0.70 -6.55
CA ALA A 72 -12.31 0.60 -6.98
C ALA A 72 -12.77 1.84 -7.76
N GLU A 73 -12.36 3.02 -7.32
CA GLU A 73 -12.71 4.27 -8.00
C GLU A 73 -12.06 4.27 -9.37
N LEU A 74 -10.84 3.75 -9.50
CA LEU A 74 -10.21 3.63 -10.85
C LEU A 74 -11.02 2.76 -11.72
N GLU A 75 -11.40 1.61 -11.20
CA GLU A 75 -12.18 0.64 -11.92
C GLU A 75 -13.51 1.25 -12.34
N LYS A 76 -14.17 1.98 -11.46
CA LYS A 76 -15.45 2.62 -11.78
C LYS A 76 -15.34 3.66 -12.92
N ASN A 77 -14.34 4.56 -12.83
CA ASN A 77 -14.23 5.75 -13.67
C ASN A 77 -13.63 5.43 -15.06
N ILE A 78 -12.84 4.36 -15.16
CA ILE A 78 -12.04 4.08 -16.34
C ILE A 78 -12.58 2.81 -17.01
N SER A 79 -12.94 2.92 -18.30
CA SER A 79 -13.51 1.73 -18.97
C SER A 79 -12.51 0.66 -19.39
N ASP A 80 -11.32 1.07 -19.84
CA ASP A 80 -10.40 0.14 -20.44
C ASP A 80 -9.48 -0.48 -19.37
N PRO A 81 -9.43 -1.80 -19.26
CA PRO A 81 -8.56 -2.43 -18.24
C PRO A 81 -7.11 -1.99 -18.32
N LEU A 82 -6.59 -1.81 -19.54
CA LEU A 82 -5.19 -1.38 -19.65
C LEU A 82 -5.04 0.01 -19.01
N GLU A 83 -6.03 0.88 -19.23
CA GLU A 83 -5.96 2.22 -18.65
C GLU A 83 -6.19 2.18 -17.15
N GLN A 84 -6.87 1.17 -16.62
CA GLN A 84 -6.94 1.02 -15.15
C GLN A 84 -5.55 0.70 -14.58
N LEU A 85 -4.81 -0.20 -15.25
CA LEU A 85 -3.45 -0.49 -14.76
C LEU A 85 -2.57 0.76 -14.91
N ARG A 86 -2.72 1.50 -16.00
CA ARG A 86 -1.87 2.67 -16.19
C ARG A 86 -2.19 3.71 -15.10
N ALA A 87 -3.49 3.85 -14.75
CA ALA A 87 -3.85 4.83 -13.73
C ALA A 87 -3.36 4.40 -12.34
N TYR A 88 -3.32 3.11 -12.09
CA TYR A 88 -2.77 2.60 -10.80
C TYR A 88 -1.27 2.95 -10.71
N ILE A 89 -0.52 2.74 -11.78
N ILE A 89 -0.49 2.73 -11.76
CA ILE A 89 0.87 3.14 -11.81
CA ILE A 89 0.90 3.16 -11.71
C ILE A 89 1.01 4.64 -11.54
C ILE A 89 0.93 4.65 -11.43
N GLY A 90 0.12 5.42 -12.15
CA GLY A 90 0.16 6.89 -11.95
C GLY A 90 -0.14 7.29 -10.53
N TYR A 91 -1.03 6.55 -9.88
CA TYR A 91 -1.37 6.83 -8.48
C TYR A 91 -0.10 6.67 -7.64
N TRP A 92 0.65 5.61 -7.83
CA TRP A 92 1.87 5.42 -7.00
C TRP A 92 2.96 6.46 -7.36
N GLU A 93 3.06 6.82 -8.65
CA GLU A 93 4.00 7.89 -8.99
C GLU A 93 3.66 9.17 -8.29
N GLY A 94 2.37 9.49 -8.21
CA GLY A 94 1.99 10.72 -7.46
C GLY A 94 2.32 10.61 -5.96
N CYS A 95 2.11 9.45 -5.38
CA CYS A 95 2.45 9.27 -3.95
C CYS A 95 3.94 9.43 -3.73
N ILE A 96 4.74 8.83 -4.61
CA ILE A 96 6.22 8.98 -4.45
C ILE A 96 6.65 10.46 -4.66
N ALA A 97 5.99 11.15 -5.59
CA ALA A 97 6.26 12.61 -5.76
C ALA A 97 5.93 13.41 -4.54
N ASP A 98 4.75 13.18 -3.98
CA ASP A 98 4.22 14.03 -2.85
C ASP A 98 5.10 13.79 -1.62
N ALA A 99 5.75 12.62 -1.56
CA ALA A 99 6.71 12.20 -0.55
C ALA A 99 6.31 12.10 0.89
N THR A 100 5.01 12.23 1.12
N THR A 100 5.02 12.19 1.23
CA THR A 100 4.46 12.13 2.47
CA THR A 100 4.66 11.96 2.68
C THR A 100 4.38 10.63 2.86
C THR A 100 4.31 10.48 2.98
N HIS A 101 3.81 9.81 1.95
CA HIS A 101 3.56 8.35 2.03
C HIS A 101 4.08 7.66 0.71
N PRO A 102 5.40 7.71 0.43
CA PRO A 102 6.00 7.22 -0.80
C PRO A 102 6.25 5.71 -0.79
N PHE A 103 5.59 4.96 0.09
CA PHE A 103 5.80 3.51 0.15
C PHE A 103 4.47 2.92 0.65
N CYS A 104 4.14 1.74 0.19
CA CYS A 104 2.95 1.04 0.66
C CYS A 104 3.23 0.50 2.10
N VAL A 105 2.33 0.80 3.05
CA VAL A 105 2.45 0.31 4.41
C VAL A 105 2.59 -1.20 4.43
N CYS A 106 1.78 -1.88 3.59
CA CYS A 106 1.75 -3.35 3.67
C CYS A 106 3.00 -3.92 3.00
N ALA A 107 3.48 -3.32 1.90
CA ALA A 107 4.68 -3.83 1.30
C ALA A 107 5.86 -3.70 2.29
N LEU A 108 5.91 -2.57 3.01
CA LEU A 108 7.01 -2.36 3.93
C LEU A 108 6.91 -3.39 5.06
N LEU A 109 5.73 -3.50 5.67
CA LEU A 109 5.59 -4.45 6.77
C LEU A 109 5.90 -5.89 6.29
N ALA A 110 5.56 -6.21 5.04
CA ALA A 110 5.82 -7.59 4.60
C ALA A 110 7.27 -7.95 4.73
N SER A 111 8.20 -6.99 4.59
N SER A 111 8.17 -6.97 4.54
CA SER A 111 9.60 -7.35 4.66
CA SER A 111 9.61 -7.22 4.62
C SER A 111 10.02 -7.71 6.06
C SER A 111 9.97 -7.76 6.02
N GLU A 112 9.15 -7.43 7.02
CA GLU A 112 9.49 -7.68 8.46
C GLU A 112 8.63 -8.80 9.06
N ILE A 113 7.84 -9.50 8.22
CA ILE A 113 6.92 -10.51 8.76
C ILE A 113 7.43 -11.39 9.89
N PRO A 114 8.65 -11.93 9.77
CA PRO A 114 9.09 -12.89 10.84
C PRO A 114 9.10 -12.29 12.25
N VAL A 115 9.15 -10.96 12.39
CA VAL A 115 9.19 -10.35 13.74
C VAL A 115 7.88 -9.67 14.06
N LEU A 116 6.90 -9.69 13.16
CA LEU A 116 5.68 -8.94 13.47
C LEU A 116 4.70 -9.79 14.31
N PRO A 117 3.85 -9.10 15.08
CA PRO A 117 2.77 -9.84 15.69
C PRO A 117 1.93 -10.63 14.68
N GLU A 118 1.50 -11.82 15.04
CA GLU A 118 0.73 -12.62 14.11
C GLU A 118 -0.54 -11.86 13.64
N THR A 119 -1.16 -11.07 14.53
CA THR A 119 -2.38 -10.39 14.10
C THR A 119 -2.09 -9.35 13.01
N VAL A 120 -0.94 -8.71 13.08
CA VAL A 120 -0.52 -7.77 12.04
C VAL A 120 -0.22 -8.50 10.74
N VAL A 121 0.46 -9.64 10.88
CA VAL A 121 0.78 -10.44 9.67
C VAL A 121 -0.50 -10.80 8.89
N LEU A 122 -1.59 -11.12 9.63
CA LEU A 122 -2.83 -11.48 8.95
C LEU A 122 -3.28 -10.30 8.08
N GLU A 123 -3.24 -9.08 8.63
CA GLU A 123 -3.69 -7.91 7.86
C GLU A 123 -2.80 -7.65 6.63
N VAL A 124 -1.52 -7.81 6.83
CA VAL A 124 -0.57 -7.56 5.70
C VAL A 124 -0.81 -8.58 4.60
N ARG A 125 -0.92 -9.86 4.96
CA ARG A 125 -1.10 -10.87 3.92
C ARG A 125 -2.42 -10.66 3.22
N ALA A 126 -3.46 -10.21 3.92
CA ALA A 126 -4.76 -9.98 3.31
C ALA A 126 -4.66 -8.88 2.24
N HIS A 127 -3.83 -7.86 2.47
CA HIS A 127 -3.67 -6.84 1.43
C HIS A 127 -3.01 -7.48 0.17
N PHE A 128 -1.97 -8.29 0.35
CA PHE A 128 -1.32 -8.88 -0.83
C PHE A 128 -2.34 -9.70 -1.61
N ARG A 129 -3.06 -10.59 -0.92
N ARG A 129 -3.29 -10.30 -0.88
CA ARG A 129 -3.97 -11.46 -1.69
CA ARG A 129 -4.36 -11.09 -1.57
C ARG A 129 -5.02 -10.60 -2.37
C ARG A 129 -5.37 -10.16 -2.26
N SER A 130 -5.50 -9.56 -1.69
N SER A 130 -5.84 -9.13 -1.57
CA SER A 130 -6.55 -8.71 -2.26
CA SER A 130 -6.78 -8.19 -2.20
C SER A 130 -6.07 -7.87 -3.49
C SER A 130 -6.20 -7.55 -3.45
N LEU A 131 -4.92 -7.21 -3.38
CA LEU A 131 -4.33 -6.52 -4.52
C LEU A 131 -4.08 -7.50 -5.65
N SER A 132 -3.56 -8.69 -5.36
CA SER A 132 -3.36 -9.68 -6.43
C SER A 132 -4.71 -10.03 -7.06
N ASP A 133 -5.78 -10.18 -6.26
CA ASP A 133 -7.07 -10.50 -6.82
C ASP A 133 -7.53 -9.38 -7.76
N TRP A 134 -7.38 -8.14 -7.31
CA TRP A 134 -7.82 -7.01 -8.16
C TRP A 134 -7.06 -6.99 -9.46
N LEU A 135 -5.74 -7.05 -9.40
CA LEU A 135 -4.94 -7.02 -10.64
C LEU A 135 -5.32 -8.21 -11.54
N THR A 136 -5.56 -9.36 -10.95
CA THR A 136 -5.92 -10.55 -11.73
C THR A 136 -7.21 -10.26 -12.49
N ALA A 137 -8.20 -9.70 -11.79
CA ALA A 137 -9.49 -9.39 -12.45
C ALA A 137 -9.32 -8.34 -13.55
N VAL A 138 -8.49 -7.31 -13.35
CA VAL A 138 -8.27 -6.32 -14.38
C VAL A 138 -7.62 -7.00 -15.59
N LEU A 139 -6.59 -7.84 -15.36
CA LEU A 139 -5.96 -8.50 -16.50
C LEU A 139 -6.97 -9.43 -17.25
N GLU A 140 -7.79 -10.12 -16.48
CA GLU A 140 -8.78 -11.03 -17.11
C GLU A 140 -9.72 -10.21 -17.99
N ARG A 141 -10.22 -9.06 -17.48
CA ARG A 141 -11.13 -8.21 -18.30
C ARG A 141 -10.38 -7.74 -19.52
N GLY A 142 -9.09 -7.42 -19.38
CA GLY A 142 -8.36 -7.01 -20.57
C GLY A 142 -8.29 -8.09 -21.63
N ILE A 143 -8.09 -9.34 -21.20
CA ILE A 143 -8.17 -10.45 -22.17
C ILE A 143 -9.59 -10.56 -22.73
N ALA A 144 -10.58 -10.52 -21.87
CA ALA A 144 -11.94 -10.76 -22.33
C ALA A 144 -12.37 -9.72 -23.34
N GLN A 145 -11.83 -8.49 -23.21
CA GLN A 145 -12.11 -7.37 -24.11
C GLN A 145 -11.14 -7.21 -25.29
N GLY A 146 -10.21 -8.16 -25.44
CA GLY A 146 -9.19 -8.09 -26.51
C GLY A 146 -8.26 -6.86 -26.39
N ARG A 147 -8.08 -6.34 -25.16
N ARG A 147 -8.02 -6.33 -25.19
CA ARG A 147 -7.24 -5.14 -24.92
CA ARG A 147 -7.10 -5.17 -25.07
C ARG A 147 -5.78 -5.43 -24.50
C ARG A 147 -5.66 -5.54 -24.74
N LEU A 148 -5.51 -6.69 -24.11
CA LEU A 148 -4.19 -7.13 -23.59
C LEU A 148 -3.86 -8.43 -24.15
N VAL A 149 -2.54 -8.72 -24.16
N VAL A 149 -2.56 -8.72 -24.19
CA VAL A 149 -2.03 -10.02 -24.60
CA VAL A 149 -2.12 -10.05 -24.54
C VAL A 149 -1.07 -10.54 -23.53
C VAL A 149 -1.20 -10.49 -23.42
N LEU A 150 -1.27 -11.76 -23.04
CA LEU A 150 -0.47 -12.30 -21.92
C LEU A 150 0.15 -13.61 -22.26
N THR A 151 1.37 -13.80 -21.73
CA THR A 151 1.98 -15.13 -21.67
C THR A 151 1.72 -15.67 -20.25
N GLY A 152 1.14 -16.85 -20.13
CA GLY A 152 0.79 -17.38 -18.81
C GLY A 152 -0.56 -16.83 -18.37
N THR A 153 -0.97 -17.22 -17.18
CA THR A 153 -2.32 -16.86 -16.75
C THR A 153 -2.42 -15.44 -16.26
N ALA A 154 -3.65 -14.95 -16.13
CA ALA A 154 -3.83 -13.61 -15.56
C ALA A 154 -3.30 -13.57 -14.14
N ARG A 155 -3.57 -14.60 -13.32
CA ARG A 155 -3.03 -14.55 -11.93
C ARG A 155 -1.51 -14.51 -11.92
N ALA A 156 -0.86 -15.31 -12.78
CA ALA A 156 0.62 -15.27 -12.74
C ALA A 156 1.14 -13.91 -13.16
N ASN A 157 0.47 -13.28 -14.14
CA ASN A 157 0.87 -11.92 -14.52
C ASN A 157 0.56 -10.90 -13.43
N ALA A 158 -0.54 -11.07 -12.72
CA ALA A 158 -0.84 -10.17 -11.58
C ALA A 158 0.26 -10.27 -10.51
N GLU A 159 0.70 -11.49 -10.21
CA GLU A 159 1.74 -11.66 -9.22
C GLU A 159 3.04 -11.04 -9.67
N ILE A 160 3.37 -11.13 -10.98
CA ILE A 160 4.57 -10.42 -11.49
C ILE A 160 4.36 -8.91 -11.39
N PHE A 161 3.21 -8.43 -11.81
N PHE A 161 3.19 -8.46 -11.83
CA PHE A 161 3.08 -6.95 -11.78
CA PHE A 161 2.90 -7.01 -11.79
C PHE A 161 3.09 -6.43 -10.33
C PHE A 161 3.14 -6.50 -10.36
N ALA A 163 4.70 -7.75 -7.77
CA ALA A 163 6.07 -7.84 -7.30
C ALA A 163 6.92 -6.71 -7.93
N THR A 164 6.66 -6.42 -9.21
CA THR A 164 7.41 -5.35 -9.90
C THR A 164 7.11 -4.01 -9.25
N VAL A 165 5.85 -3.74 -8.91
CA VAL A 165 5.47 -2.49 -8.22
C VAL A 165 6.21 -2.42 -6.86
N HIS A 166 6.15 -3.51 -6.08
CA HIS A 166 6.78 -3.43 -4.77
C HIS A 166 8.32 -3.31 -4.91
N GLY A 167 8.90 -3.97 -5.92
CA GLY A 167 10.32 -3.86 -6.09
C GLY A 167 10.67 -2.47 -6.61
N ALA A 168 9.81 -1.86 -7.43
CA ALA A 168 10.09 -0.53 -7.97
C ALA A 168 10.00 0.54 -6.87
N LEU A 170 10.84 0.01 -3.91
CA LEU A 170 12.04 -0.20 -3.14
C LEU A 170 13.22 0.47 -3.86
N SER A 171 13.33 0.26 -5.19
CA SER A 171 14.44 0.93 -5.93
C SER A 171 14.32 2.45 -5.86
N ALA A 172 13.07 2.98 -5.92
CA ALA A 172 12.93 4.47 -5.85
C ALA A 172 13.44 4.96 -4.47
N ARG A 173 13.11 4.21 -3.42
CA ARG A 173 13.56 4.60 -2.05
C ARG A 173 15.12 4.45 -1.94
N ALA A 174 15.68 3.40 -2.59
CA ALA A 174 17.15 3.12 -2.53
C ALA A 174 17.97 4.02 -3.46
N HIS A 175 18.52 3.48 -4.53
N HIS A 175 18.50 3.46 -4.55
CA HIS A 175 19.53 4.25 -5.26
CA HIS A 175 19.47 4.22 -5.35
C HIS A 175 18.92 5.39 -6.06
C HIS A 175 18.82 5.33 -6.17
N GLY A 176 17.85 5.94 -5.49
CA GLY A 176 17.44 7.33 -5.71
C GLY A 176 16.39 7.51 -6.74
N ASP A 177 15.45 8.48 -6.62
CA ASP A 177 14.91 8.91 -7.92
C ASP A 177 13.40 8.78 -8.38
N ALA A 178 12.78 9.92 -8.65
CA ALA A 178 11.34 10.04 -9.03
C ALA A 178 10.99 9.46 -10.45
N ALA A 179 11.96 9.06 -11.24
CA ALA A 179 11.59 8.39 -12.50
C ALA A 179 11.76 6.90 -12.38
N THR A 180 12.44 6.38 -11.35
CA THR A 180 12.65 4.94 -11.24
C THR A 180 11.36 4.14 -11.26
N PHE A 181 10.34 4.60 -10.52
CA PHE A 181 9.16 3.77 -10.37
C PHE A 181 8.49 3.51 -11.72
N GLY A 182 8.32 4.56 -12.53
CA GLY A 182 7.75 4.35 -13.84
C GLY A 182 8.67 3.60 -14.79
N ALA A 183 9.98 3.88 -14.68
CA ALA A 183 10.93 3.23 -15.60
C ALA A 183 10.94 1.73 -15.40
N ILE A 184 10.59 1.27 -14.20
CA ILE A 184 10.57 -0.18 -13.95
C ILE A 184 9.19 -0.77 -14.28
N THR A 185 8.10 -0.07 -13.91
CA THR A 185 6.80 -0.70 -14.02
C THR A 185 6.12 -0.53 -15.39
N ARG A 186 6.45 0.56 -16.09
CA ARG A 186 5.68 0.87 -17.30
C ARG A 186 6.03 -0.08 -18.47
N PRO A 187 7.30 -0.52 -18.61
CA PRO A 187 7.55 -1.41 -19.78
C PRO A 187 6.63 -2.65 -19.82
N LEU A 189 3.52 -2.79 -18.94
CA LEU A 189 2.22 -2.30 -19.43
C LEU A 189 2.27 -2.17 -20.92
N GLU A 190 3.37 -1.65 -21.47
N GLU A 190 3.36 -1.60 -21.44
CA GLU A 190 3.45 -1.51 -22.92
CA GLU A 190 3.47 -1.41 -22.88
C GLU A 190 3.67 -2.87 -23.57
C GLU A 190 3.45 -2.71 -23.62
N ARG A 191 4.37 -3.77 -22.90
N ARG A 191 4.23 -3.70 -23.11
CA ARG A 191 4.48 -5.10 -23.49
CA ARG A 191 4.36 -5.02 -23.72
C ARG A 191 3.09 -5.68 -23.76
C ARG A 191 3.12 -5.91 -23.71
N ILE A 192 2.28 -5.73 -22.69
CA ILE A 192 1.01 -6.52 -22.70
C ILE A 192 -0.11 -5.80 -23.47
N THR A 193 0.14 -4.56 -23.94
CA THR A 193 -0.88 -3.86 -24.76
C THR A 193 -1.09 -4.62 -26.08
N ALA A 194 -2.33 -4.95 -26.40
CA ALA A 194 -2.63 -5.67 -27.64
C ALA A 194 -2.23 -4.83 -28.87
#